data_2PL9
#
_entry.id   2PL9
#
_cell.length_a   68.058
_cell.length_b   162.972
_cell.length_c   37.341
_cell.angle_alpha   90.00
_cell.angle_beta   90.00
_cell.angle_gamma   90.00
#
_symmetry.space_group_name_H-M   'P 21 21 2'
#
loop_
_entity.id
_entity.type
_entity.pdbx_description
1 polymer 'Chemotaxis protein cheY'
2 polymer 'Chemotaxis protein cheZ'
3 non-polymer 'MAGNESIUM ION'
4 non-polymer 'BERYLLIUM TRIFLUORIDE ION'
5 non-polymer '2-(N-MORPHOLINO)-ETHANESULFONIC ACID'
6 water water
#
loop_
_entity_poly.entity_id
_entity_poly.type
_entity_poly.pdbx_seq_one_letter_code
_entity_poly.pdbx_strand_id
1 'polypeptide(L)'
;ADKELKFLVVDDFSTMRRIVRNLLKELGFNNVEEAEDGVDALNKLQAGGFGFIISDWNMPNMDGLELLKTIRADSAMSAL
PVLMVTAEAKKENIIAAAQAGASGYVVKPFTAATLEEKLNKIFEKLGM
;
A,B,C
2 'polypeptide(L)' AGVVASQDQVDDLLDSLGF D,E,F
#
# COMPACT_ATOMS: atom_id res chain seq x y z
N ALA A 1 -3.68 -20.11 -17.13
CA ALA A 1 -2.92 -19.73 -15.90
C ALA A 1 -3.00 -20.81 -14.82
N ASP A 2 -2.18 -20.65 -13.78
CA ASP A 2 -2.18 -21.49 -12.58
C ASP A 2 -3.58 -21.54 -11.95
N LYS A 3 -4.22 -22.72 -12.02
CA LYS A 3 -5.58 -22.91 -11.49
C LYS A 3 -5.65 -22.67 -9.98
N GLU A 4 -4.49 -22.36 -9.40
CA GLU A 4 -4.39 -21.99 -7.99
C GLU A 4 -4.08 -20.49 -7.80
N LEU A 5 -4.21 -19.72 -8.88
CA LEU A 5 -4.12 -18.26 -8.80
C LEU A 5 -5.18 -17.72 -7.84
N LYS A 6 -4.75 -16.86 -6.92
CA LYS A 6 -5.63 -16.32 -5.90
C LYS A 6 -6.30 -15.02 -6.38
N PHE A 7 -7.62 -15.10 -6.52
CA PHE A 7 -8.39 -13.95 -6.91
C PHE A 7 -9.03 -13.20 -5.75
N LEU A 8 -9.12 -11.90 -5.88
CA LEU A 8 -9.86 -11.10 -4.92
C LEU A 8 -11.02 -10.51 -5.74
N VAL A 9 -12.24 -10.82 -5.33
CA VAL A 9 -13.43 -10.26 -5.98
C VAL A 9 -14.04 -9.18 -5.08
N VAL A 10 -14.04 -7.95 -5.58
CA VAL A 10 -14.49 -6.81 -4.81
C VAL A 10 -15.76 -6.22 -5.41
N ASP A 11 -16.84 -6.27 -4.63
CA ASP A 11 -18.10 -5.69 -5.03
C ASP A 11 -18.93 -5.51 -3.77
N ASP A 12 -19.73 -4.44 -3.72
CA ASP A 12 -20.62 -4.22 -2.54
C ASP A 12 -21.83 -5.10 -2.56
N PHE A 13 -22.08 -5.72 -3.70
CA PHE A 13 -23.30 -6.48 -3.95
C PHE A 13 -23.02 -7.99 -3.88
N SER A 14 -23.56 -8.62 -2.84
CA SER A 14 -23.39 -10.04 -2.58
C SER A 14 -23.70 -10.89 -3.79
N THR A 15 -24.82 -10.61 -4.44
CA THR A 15 -25.27 -11.42 -5.58
C THR A 15 -24.26 -11.43 -6.72
N MET A 16 -23.69 -10.26 -7.01
CA MET A 16 -22.69 -10.11 -8.08
C MET A 16 -21.40 -10.87 -7.75
N ARG A 17 -21.00 -10.84 -6.47
CA ARG A 17 -19.80 -11.56 -6.02
C ARG A 17 -19.98 -13.06 -6.25
N ARG A 18 -21.15 -13.58 -5.88
CA ARG A 18 -21.54 -14.95 -6.24
C ARG A 18 -21.38 -15.24 -7.73
N ILE A 19 -21.94 -14.38 -8.59
CA ILE A 19 -21.75 -14.51 -10.05
C ILE A 19 -20.25 -14.67 -10.41
N VAL A 20 -19.42 -13.69 -10.03
CA VAL A 20 -18.01 -13.68 -10.40
C VAL A 20 -17.25 -14.89 -9.82
N ARG A 21 -17.44 -15.15 -8.53
CA ARG A 21 -16.77 -16.26 -7.85
C ARG A 21 -17.14 -17.62 -8.48
N ASN A 22 -18.39 -17.78 -8.84
CA ASN A 22 -18.83 -19.00 -9.47
C ASN A 22 -18.24 -19.19 -10.86
N LEU A 23 -18.14 -18.09 -11.61
CA LEU A 23 -17.55 -18.13 -12.96
C LEU A 23 -16.11 -18.57 -12.87
N LEU A 24 -15.37 -18.02 -11.91
CA LEU A 24 -13.98 -18.38 -11.69
C LEU A 24 -13.85 -19.87 -11.36
N LYS A 25 -14.62 -20.33 -10.38
CA LYS A 25 -14.71 -21.75 -10.04
C LYS A 25 -14.99 -22.63 -11.27
N GLU A 26 -15.93 -22.21 -12.11
CA GLU A 26 -16.30 -22.96 -13.32
C GLU A 26 -15.19 -22.94 -14.37
N LEU A 27 -14.37 -21.89 -14.34
CA LEU A 27 -13.22 -21.79 -15.24
C LEU A 27 -12.00 -22.59 -14.74
N GLY A 28 -12.12 -23.20 -13.56
CA GLY A 28 -10.98 -23.89 -12.93
C GLY A 28 -10.36 -23.22 -11.70
N PHE A 29 -10.82 -22.00 -11.36
CA PHE A 29 -10.25 -21.22 -10.24
C PHE A 29 -11.06 -21.28 -8.93
N ASN A 30 -10.59 -22.12 -8.00
CA ASN A 30 -11.26 -22.35 -6.72
C ASN A 30 -10.64 -21.56 -5.55
N ASN A 31 -9.52 -20.90 -5.81
CA ASN A 31 -8.88 -20.07 -4.79
C ASN A 31 -9.35 -18.64 -4.93
N VAL A 32 -10.51 -18.35 -4.37
CA VAL A 32 -11.15 -17.05 -4.55
C VAL A 32 -11.67 -16.48 -3.24
N GLU A 33 -11.27 -15.25 -2.96
CA GLU A 33 -11.78 -14.54 -1.78
C GLU A 33 -12.49 -13.26 -2.19
N GLU A 34 -13.25 -12.69 -1.26
CA GLU A 34 -14.14 -11.54 -1.55
C GLU A 34 -13.95 -10.41 -0.55
N ALA A 35 -14.18 -9.19 -1.05
CA ALA A 35 -14.26 -7.98 -0.24
C ALA A 35 -15.49 -7.19 -0.64
N GLU A 36 -16.09 -6.48 0.32
CA GLU A 36 -17.33 -5.73 0.06
C GLU A 36 -17.09 -4.25 -0.29
N ASP A 37 -15.87 -3.77 -0.07
CA ASP A 37 -15.48 -2.41 -0.47
C ASP A 37 -13.97 -2.28 -0.61
N GLY A 38 -13.50 -1.11 -0.98
CA GLY A 38 -12.05 -0.87 -1.18
C GLY A 38 -11.20 -0.98 0.07
N VAL A 39 -11.71 -0.45 1.19
CA VAL A 39 -10.98 -0.51 2.47
C VAL A 39 -10.75 -1.99 2.84
N ASP A 40 -11.85 -2.73 2.91
CA ASP A 40 -11.84 -4.18 3.06
C ASP A 40 -10.83 -4.86 2.09
N ALA A 41 -10.94 -4.56 0.80
CA ALA A 41 -10.04 -5.14 -0.23
C ALA A 41 -8.55 -4.97 0.07
N LEU A 42 -8.16 -3.77 0.51
CA LEU A 42 -6.77 -3.48 0.78
C LEU A 42 -6.26 -4.19 2.02
N ASN A 43 -7.08 -4.21 3.07
CA ASN A 43 -6.78 -4.99 4.29
C ASN A 43 -6.45 -6.43 3.94
N LYS A 44 -7.26 -6.99 3.05
CA LYS A 44 -7.10 -8.36 2.57
C LYS A 44 -5.88 -8.53 1.66
N LEU A 45 -5.58 -7.54 0.82
CA LEU A 45 -4.39 -7.64 -0.07
C LEU A 45 -3.06 -7.58 0.67
N GLN A 46 -3.10 -7.13 1.93
CA GLN A 46 -1.89 -7.02 2.74
C GLN A 46 -1.36 -8.39 3.19
N ALA A 47 -2.25 -9.28 3.63
CA ALA A 47 -1.86 -10.63 4.04
C ALA A 47 -1.15 -11.41 2.94
N GLY A 48 -1.18 -10.79 1.73
CA GLY A 48 -0.48 -11.19 0.50
C GLY A 48 -0.97 -12.44 -0.20
N GLY A 49 -0.25 -12.84 -1.25
CA GLY A 49 -0.53 -14.09 -1.96
C GLY A 49 -1.53 -13.99 -3.09
N PHE A 50 -2.18 -12.84 -3.22
CA PHE A 50 -3.16 -12.61 -4.29
C PHE A 50 -2.46 -12.41 -5.64
N GLY A 51 -3.06 -12.92 -6.71
CA GLY A 51 -2.47 -12.82 -8.04
C GLY A 51 -3.31 -12.07 -9.08
N PHE A 52 -4.55 -11.76 -8.74
CA PHE A 52 -5.48 -11.14 -9.67
C PHE A 52 -6.63 -10.49 -8.88
N ILE A 53 -7.00 -9.28 -9.27
CA ILE A 53 -8.11 -8.59 -8.65
C ILE A 53 -9.20 -8.20 -9.66
N ILE A 54 -10.45 -8.51 -9.29
CA ILE A 54 -11.63 -8.16 -10.08
C ILE A 54 -12.41 -7.21 -9.21
N SER A 55 -12.59 -6.00 -9.70
CA SER A 55 -13.22 -4.98 -8.88
C SER A 55 -14.33 -4.12 -9.43
N ASP A 56 -15.33 -3.94 -8.60
CA ASP A 56 -16.46 -3.10 -8.86
C ASP A 56 -15.95 -1.65 -8.79
N TRP A 57 -16.75 -0.68 -9.23
CA TRP A 57 -16.39 0.73 -9.07
C TRP A 57 -17.15 1.34 -7.87
N ASN A 58 -18.47 1.45 -8.01
CA ASN A 58 -19.27 2.07 -6.98
C ASN A 58 -19.45 1.20 -5.73
N MET A 59 -18.76 1.60 -4.67
CA MET A 59 -18.83 0.92 -3.39
C MET A 59 -18.67 1.98 -2.29
N PRO A 60 -19.26 1.74 -1.10
CA PRO A 60 -19.08 2.71 0.00
C PRO A 60 -17.63 2.68 0.46
N ASN A 61 -17.24 3.68 1.27
CA ASN A 61 -15.92 3.71 1.96
C ASN A 61 -14.72 3.99 1.06
N MET A 62 -14.49 3.12 0.10
CA MET A 62 -13.54 3.39 -0.97
C MET A 62 -14.08 2.76 -2.25
N ASP A 63 -14.13 3.55 -3.31
CA ASP A 63 -14.60 3.06 -4.60
C ASP A 63 -13.47 2.36 -5.37
N GLY A 64 -13.84 1.68 -6.48
CA GLY A 64 -12.91 0.87 -7.24
C GLY A 64 -11.83 1.64 -7.99
N LEU A 65 -12.10 2.91 -8.29
CA LEU A 65 -11.04 3.77 -8.87
C LEU A 65 -9.93 4.11 -7.84
N GLU A 66 -10.31 4.52 -6.64
CA GLU A 66 -9.32 4.82 -5.60
C GLU A 66 -8.55 3.57 -5.22
N LEU A 67 -9.21 2.42 -5.37
CA LEU A 67 -8.62 1.14 -5.04
C LEU A 67 -7.56 0.74 -6.07
N LEU A 68 -7.93 0.89 -7.34
CA LEU A 68 -7.01 0.71 -8.44
C LEU A 68 -5.76 1.59 -8.26
N LYS A 69 -5.96 2.87 -7.90
CA LYS A 69 -4.84 3.83 -7.76
C LYS A 69 -3.89 3.46 -6.62
N THR A 70 -4.46 3.09 -5.48
CA THR A 70 -3.71 2.54 -4.34
C THR A 70 -2.91 1.26 -4.68
N ILE A 71 -3.51 0.32 -5.41
CA ILE A 71 -2.79 -0.89 -5.79
C ILE A 71 -1.61 -0.56 -6.71
N ARG A 72 -1.83 0.36 -7.64
CA ARG A 72 -0.82 0.74 -8.61
C ARG A 72 0.32 1.53 -7.95
N ALA A 73 -0.01 2.20 -6.84
CA ALA A 73 0.95 3.05 -6.11
C ALA A 73 1.79 2.26 -5.09
N ASP A 74 1.35 1.05 -4.79
CA ASP A 74 2.04 0.17 -3.84
C ASP A 74 3.07 -0.75 -4.52
N SER A 75 4.35 -0.51 -4.27
CA SER A 75 5.41 -1.31 -4.89
C SER A 75 5.31 -2.84 -4.64
N ALA A 76 4.62 -3.24 -3.57
CA ALA A 76 4.32 -4.67 -3.34
C ALA A 76 3.19 -5.23 -4.22
N MET A 77 2.36 -4.35 -4.82
CA MET A 77 1.17 -4.80 -5.57
C MET A 77 1.02 -4.08 -6.89
N SER A 78 2.01 -3.29 -7.29
CA SER A 78 1.84 -2.37 -8.46
C SER A 78 1.61 -2.97 -9.84
N ALA A 79 1.95 -4.24 -10.06
CA ALA A 79 1.73 -4.90 -11.36
C ALA A 79 0.61 -5.95 -11.32
N LEU A 80 -0.08 -6.07 -10.20
CA LEU A 80 -1.16 -7.04 -10.06
C LEU A 80 -2.33 -6.70 -10.99
N PRO A 81 -2.84 -7.71 -11.74
CA PRO A 81 -3.99 -7.48 -12.63
C PRO A 81 -5.21 -6.98 -11.84
N VAL A 82 -5.78 -5.87 -12.29
CA VAL A 82 -7.03 -5.34 -11.74
C VAL A 82 -8.05 -5.17 -12.88
N LEU A 83 -8.98 -6.13 -12.98
CA LEU A 83 -10.03 -6.06 -13.97
C LEU A 83 -11.27 -5.37 -13.41
N MET A 84 -11.67 -4.25 -14.00
CA MET A 84 -12.88 -3.55 -13.60
C MET A 84 -14.08 -4.23 -14.20
N VAL A 85 -15.11 -4.45 -13.40
CA VAL A 85 -16.38 -5.08 -13.78
C VAL A 85 -17.39 -4.26 -13.01
N THR A 86 -18.02 -3.36 -13.78
CA THR A 86 -18.87 -2.37 -13.20
C THR A 86 -20.07 -1.89 -14.09
N ALA A 87 -21.10 -1.36 -13.44
CA ALA A 87 -22.17 -0.66 -14.15
C ALA A 87 -21.73 0.69 -14.72
N GLU A 88 -20.59 1.22 -14.26
CA GLU A 88 -20.14 2.57 -14.69
C GLU A 88 -19.73 2.64 -16.17
N ALA A 89 -20.61 3.28 -17.00
CA ALA A 89 -20.40 3.33 -18.45
C ALA A 89 -20.15 4.72 -19.06
N LYS A 90 -20.02 5.72 -18.22
CA LYS A 90 -19.69 7.02 -18.75
C LYS A 90 -18.26 7.02 -19.27
N LYS A 91 -18.08 7.48 -20.50
CA LYS A 91 -16.79 7.49 -21.19
C LYS A 91 -15.61 8.13 -20.40
N GLU A 92 -15.83 9.33 -19.85
CA GLU A 92 -14.80 10.01 -19.10
C GLU A 92 -14.26 9.19 -17.92
N ASN A 93 -15.09 8.26 -17.45
CA ASN A 93 -14.70 7.44 -16.30
C ASN A 93 -13.97 6.17 -16.70
N ILE A 94 -14.47 5.50 -17.75
CA ILE A 94 -13.76 4.36 -18.36
C ILE A 94 -12.35 4.81 -18.74
N ILE A 95 -12.26 6.03 -19.30
CA ILE A 95 -10.99 6.65 -19.65
C ILE A 95 -10.15 6.79 -18.37
N ALA A 96 -10.73 7.39 -17.33
CA ALA A 96 -10.03 7.55 -16.07
C ALA A 96 -9.44 6.23 -15.53
N ALA A 97 -10.26 5.19 -15.44
CA ALA A 97 -9.80 3.86 -15.01
C ALA A 97 -8.59 3.33 -15.81
N ALA A 98 -8.67 3.47 -17.14
CA ALA A 98 -7.60 3.00 -18.04
C ALA A 98 -6.30 3.82 -17.92
N GLN A 99 -6.44 5.14 -17.75
CA GLN A 99 -5.29 6.02 -17.42
C GLN A 99 -4.69 5.70 -16.04
N ALA A 100 -5.56 5.33 -15.10
CA ALA A 100 -5.14 4.86 -13.77
C ALA A 100 -4.53 3.45 -13.79
N GLY A 101 -4.59 2.78 -14.95
CA GLY A 101 -3.84 1.55 -15.16
C GLY A 101 -4.62 0.25 -14.99
N ALA A 102 -5.95 0.31 -15.21
CA ALA A 102 -6.80 -0.92 -15.21
C ALA A 102 -6.36 -1.94 -16.27
N SER A 103 -6.40 -3.23 -15.93
CA SER A 103 -5.95 -4.30 -16.83
C SER A 103 -7.01 -4.60 -17.89
N GLY A 104 -8.26 -4.27 -17.56
CA GLY A 104 -9.37 -4.32 -18.49
C GLY A 104 -10.60 -3.64 -17.91
N TYR A 105 -11.69 -3.65 -18.68
CA TYR A 105 -12.93 -3.00 -18.28
C TYR A 105 -14.13 -3.75 -18.86
N VAL A 106 -14.92 -4.36 -17.97
CA VAL A 106 -16.13 -5.09 -18.34
C VAL A 106 -17.32 -4.30 -17.82
N VAL A 107 -18.31 -4.07 -18.68
CA VAL A 107 -19.52 -3.37 -18.25
C VAL A 107 -20.64 -4.33 -17.85
N LYS A 108 -21.39 -3.95 -16.81
CA LYS A 108 -22.59 -4.69 -16.39
C LYS A 108 -23.80 -4.29 -17.27
N PRO A 109 -24.69 -5.27 -17.57
CA PRO A 109 -24.52 -6.71 -17.31
C PRO A 109 -23.53 -7.36 -18.29
N PHE A 110 -22.86 -8.41 -17.85
CA PHE A 110 -21.89 -9.08 -18.71
C PHE A 110 -22.26 -10.53 -18.97
N THR A 111 -21.73 -11.08 -20.03
CA THR A 111 -21.89 -12.46 -20.32
C THR A 111 -20.65 -13.17 -19.75
N ALA A 112 -20.80 -14.46 -19.45
CA ALA A 112 -19.69 -15.29 -18.98
C ALA A 112 -18.60 -15.24 -20.03
N ALA A 113 -18.99 -15.25 -21.32
CA ALA A 113 -18.03 -15.20 -22.43
C ALA A 113 -17.13 -13.99 -22.36
N THR A 114 -17.71 -12.82 -22.07
CA THR A 114 -16.95 -11.60 -21.94
C THR A 114 -15.91 -11.71 -20.83
N LEU A 115 -16.33 -12.18 -19.65
CA LEU A 115 -15.42 -12.25 -18.50
C LEU A 115 -14.23 -13.16 -18.82
N GLU A 116 -14.53 -14.33 -19.39
CA GLU A 116 -13.54 -15.29 -19.82
C GLU A 116 -12.57 -14.68 -20.85
N GLU A 117 -13.12 -13.96 -21.82
CA GLU A 117 -12.35 -13.35 -22.88
C GLU A 117 -11.37 -12.30 -22.33
N LYS A 118 -11.81 -11.54 -21.31
CA LYS A 118 -11.00 -10.48 -20.75
C LYS A 118 -9.92 -11.03 -19.83
N LEU A 119 -10.24 -12.12 -19.13
CA LEU A 119 -9.29 -12.82 -18.28
C LEU A 119 -8.12 -13.43 -19.09
N ASN A 120 -8.46 -14.22 -20.12
CA ASN A 120 -7.48 -14.84 -20.99
C ASN A 120 -6.60 -13.79 -21.69
N LYS A 121 -7.16 -12.60 -21.91
CA LYS A 121 -6.40 -11.52 -22.57
C LYS A 121 -5.32 -10.98 -21.64
N ILE A 122 -5.64 -10.88 -20.34
CA ILE A 122 -4.70 -10.37 -19.34
C ILE A 122 -3.59 -11.39 -19.11
N PHE A 123 -3.97 -12.67 -18.97
CA PHE A 123 -3.03 -13.78 -18.80
C PHE A 123 -1.94 -13.80 -19.88
N GLU A 124 -2.34 -13.57 -21.14
CA GLU A 124 -1.39 -13.58 -22.25
C GLU A 124 -0.48 -12.35 -22.23
N LYS A 125 -1.06 -11.17 -22.03
CA LYS A 125 -0.28 -9.94 -22.02
C LYS A 125 0.80 -10.00 -20.95
N LEU A 126 0.51 -10.74 -19.87
CA LEU A 126 1.39 -10.79 -18.70
C LEU A 126 2.14 -12.12 -18.56
N GLY A 127 1.86 -13.06 -19.46
CA GLY A 127 2.58 -14.34 -19.49
C GLY A 127 2.31 -15.22 -18.28
N MET A 128 1.08 -15.17 -17.78
CA MET A 128 0.70 -15.95 -16.60
C MET A 128 0.32 -17.38 -16.99
N ALA B 1 -23.45 12.83 16.40
CA ALA B 1 -22.67 14.11 16.55
C ALA B 1 -22.91 15.10 15.41
N ASP B 2 -22.44 16.32 15.62
CA ASP B 2 -22.60 17.45 14.70
C ASP B 2 -21.70 17.28 13.46
N LYS B 3 -22.33 17.26 12.28
CA LYS B 3 -21.60 16.94 11.03
C LYS B 3 -20.67 18.06 10.54
N GLU B 4 -20.74 19.24 11.16
CA GLU B 4 -19.81 20.35 10.87
C GLU B 4 -18.52 20.27 11.70
N LEU B 5 -18.49 19.32 12.65
CA LEU B 5 -17.28 19.00 13.43
C LEU B 5 -16.03 19.02 12.56
N LYS B 6 -15.05 19.84 12.95
CA LYS B 6 -13.75 19.91 12.28
C LYS B 6 -12.82 18.81 12.85
N PHE B 7 -12.39 17.91 11.99
CA PHE B 7 -11.47 16.86 12.41
C PHE B 7 -10.03 17.16 11.97
N LEU B 8 -9.05 16.68 12.74
CA LEU B 8 -7.67 16.60 12.26
C LEU B 8 -7.24 15.16 12.13
N VAL B 9 -6.88 14.77 10.92
CA VAL B 9 -6.41 13.42 10.65
C VAL B 9 -4.87 13.41 10.61
N VAL B 10 -4.28 12.72 11.58
CA VAL B 10 -2.82 12.68 11.71
C VAL B 10 -2.25 11.29 11.40
N ASP B 11 -1.46 11.22 10.34
CA ASP B 11 -0.71 10.01 10.00
C ASP B 11 0.38 10.43 9.01
N ASP B 12 1.60 9.90 9.18
CA ASP B 12 2.73 10.22 8.29
C ASP B 12 2.60 9.61 6.87
N PHE B 13 1.69 8.65 6.73
CA PHE B 13 1.42 7.98 5.46
C PHE B 13 0.20 8.60 4.78
N SER B 14 0.44 9.43 3.77
CA SER B 14 -0.65 10.27 3.23
C SER B 14 -1.81 9.48 2.59
N THR B 15 -1.52 8.25 2.15
CA THR B 15 -2.53 7.30 1.68
C THR B 15 -3.53 6.96 2.79
N MET B 16 -3.02 6.70 4.00
CA MET B 16 -3.87 6.43 5.16
C MET B 16 -4.77 7.62 5.55
N ARG B 17 -4.22 8.83 5.49
CA ARG B 17 -5.01 10.03 5.77
C ARG B 17 -6.21 10.14 4.84
N ARG B 18 -5.99 9.88 3.54
CA ARG B 18 -7.04 9.97 2.54
C ARG B 18 -8.13 8.89 2.74
N ILE B 19 -7.71 7.68 3.11
CA ILE B 19 -8.62 6.60 3.49
C ILE B 19 -9.55 7.04 4.64
N VAL B 20 -8.94 7.62 5.68
CA VAL B 20 -9.69 8.10 6.85
C VAL B 20 -10.56 9.33 6.52
N ARG B 21 -9.98 10.33 5.88
CA ARG B 21 -10.77 11.44 5.36
C ARG B 21 -12.03 10.98 4.59
N ASN B 22 -11.85 10.08 3.62
CA ASN B 22 -12.95 9.55 2.83
C ASN B 22 -13.94 8.70 3.64
N LEU B 23 -13.43 7.95 4.61
CA LEU B 23 -14.29 7.19 5.48
C LEU B 23 -15.18 8.15 6.25
N LEU B 24 -14.56 9.21 6.77
CA LEU B 24 -15.28 10.29 7.45
C LEU B 24 -16.25 11.04 6.52
N LYS B 25 -15.96 11.02 5.22
CA LYS B 25 -16.84 11.64 4.19
C LYS B 25 -18.16 10.86 4.02
N GLU B 26 -18.07 9.54 4.08
CA GLU B 26 -19.23 8.64 4.01
C GLU B 26 -20.13 8.80 5.22
N LEU B 27 -19.54 9.18 6.35
CA LEU B 27 -20.28 9.32 7.60
C LEU B 27 -20.98 10.69 7.71
N GLY B 28 -20.61 11.60 6.81
CA GLY B 28 -21.21 12.93 6.73
C GLY B 28 -20.26 14.03 7.16
N PHE B 29 -19.08 13.66 7.66
CA PHE B 29 -18.11 14.63 8.18
C PHE B 29 -17.17 15.13 7.08
N ASN B 30 -17.50 16.28 6.49
CA ASN B 30 -16.70 16.86 5.41
C ASN B 30 -15.68 17.92 5.85
N ASN B 31 -15.64 18.21 7.15
CA ASN B 31 -14.73 19.22 7.68
C ASN B 31 -13.50 18.56 8.22
N VAL B 32 -12.52 18.36 7.34
CA VAL B 32 -11.34 17.61 7.74
C VAL B 32 -10.03 18.15 7.23
N GLU B 33 -9.13 18.46 8.15
CA GLU B 33 -7.77 18.90 7.81
C GLU B 33 -6.85 17.70 8.09
N GLU B 34 -5.64 17.75 7.52
CA GLU B 34 -4.68 16.65 7.63
C GLU B 34 -3.37 17.07 8.29
N ALA B 35 -2.71 16.15 9.00
CA ALA B 35 -1.36 16.37 9.51
C ALA B 35 -0.47 15.13 9.36
N GLU B 36 0.79 15.34 8.99
CA GLU B 36 1.72 14.23 8.72
C GLU B 36 2.56 13.80 9.94
N ASP B 37 2.65 14.65 10.94
CA ASP B 37 3.29 14.27 12.21
C ASP B 37 2.77 15.09 13.37
N GLY B 38 3.33 14.86 14.55
CA GLY B 38 2.88 15.55 15.75
C GLY B 38 3.19 17.04 15.74
N VAL B 39 4.38 17.39 15.26
CA VAL B 39 4.77 18.79 15.16
C VAL B 39 3.81 19.54 14.22
N ASP B 40 3.61 18.95 13.03
CA ASP B 40 2.61 19.43 12.09
C ASP B 40 1.20 19.59 12.71
N ALA B 41 0.78 18.61 13.49
CA ALA B 41 -0.57 18.59 14.10
C ALA B 41 -0.85 19.75 15.06
N LEU B 42 0.03 19.94 16.04
CA LEU B 42 -0.16 21.00 17.04
C LEU B 42 -0.20 22.40 16.42
N ASN B 43 0.61 22.63 15.38
CA ASN B 43 0.58 23.88 14.61
C ASN B 43 -0.80 24.20 14.05
N LYS B 44 -1.37 23.22 13.36
CA LYS B 44 -2.72 23.30 12.82
C LYS B 44 -3.73 23.52 13.92
N LEU B 45 -3.50 22.89 15.08
CA LEU B 45 -4.43 23.02 16.20
C LEU B 45 -4.37 24.43 16.80
N GLN B 46 -3.17 25.03 16.82
CA GLN B 46 -2.97 26.41 17.32
C GLN B 46 -4.02 27.37 16.74
N ALA B 47 -4.34 27.20 15.46
CA ALA B 47 -5.25 28.10 14.73
C ALA B 47 -6.73 28.07 15.20
N GLY B 48 -7.13 26.98 15.88
CA GLY B 48 -8.45 26.90 16.51
C GLY B 48 -9.50 26.17 15.68
N GLY B 49 -10.63 25.84 16.33
CA GLY B 49 -11.82 25.34 15.63
C GLY B 49 -11.96 23.83 15.54
N PHE B 50 -10.91 23.10 15.88
CA PHE B 50 -10.92 21.64 15.78
C PHE B 50 -11.75 21.01 16.89
N GLY B 51 -12.53 20.00 16.52
CA GLY B 51 -13.40 19.30 17.47
C GLY B 51 -12.96 17.88 17.82
N PHE B 52 -12.03 17.32 17.03
CA PHE B 52 -11.70 15.89 17.12
C PHE B 52 -10.34 15.57 16.48
N ILE B 53 -9.55 14.71 17.16
CA ILE B 53 -8.31 14.23 16.52
C ILE B 53 -8.23 12.71 16.39
N ILE B 54 -7.93 12.26 15.17
CA ILE B 54 -7.66 10.84 14.89
C ILE B 54 -6.16 10.81 14.62
N SER B 55 -5.40 10.09 15.46
CA SER B 55 -3.95 10.10 15.29
C SER B 55 -3.31 8.75 15.19
N ASP B 56 -2.35 8.70 14.31
CA ASP B 56 -1.47 7.60 14.13
C ASP B 56 -0.50 7.60 15.31
N TRP B 57 0.25 6.52 15.53
CA TRP B 57 1.28 6.51 16.58
C TRP B 57 2.65 6.79 16.01
N ASN B 58 3.19 5.85 15.25
CA ASN B 58 4.52 6.01 14.69
C ASN B 58 4.60 7.06 13.58
N MET B 59 5.27 8.18 13.90
CA MET B 59 5.50 9.27 12.97
C MET B 59 6.82 9.95 13.37
N PRO B 60 7.57 10.52 12.40
CA PRO B 60 8.82 11.20 12.71
C PRO B 60 8.56 12.53 13.42
N ASN B 61 9.62 13.14 13.95
CA ASN B 61 9.57 14.47 14.58
C ASN B 61 8.81 14.47 15.91
N MET B 62 7.55 14.00 15.85
CA MET B 62 6.72 13.79 17.05
C MET B 62 5.67 12.74 16.76
N ASP B 63 5.76 11.64 17.50
CA ASP B 63 4.89 10.50 17.27
C ASP B 63 3.53 10.70 17.96
N GLY B 64 2.61 9.76 17.76
CA GLY B 64 1.24 9.89 18.28
C GLY B 64 1.13 9.97 19.79
N LEU B 65 1.98 9.23 20.52
CA LEU B 65 1.93 9.23 21.98
C LEU B 65 2.34 10.58 22.57
N GLU B 66 3.39 11.19 22.00
CA GLU B 66 3.81 12.54 22.43
C GLU B 66 2.76 13.58 22.14
N LEU B 67 2.08 13.40 21.01
CA LEU B 67 1.00 14.30 20.60
C LEU B 67 -0.10 14.19 21.63
N LEU B 68 -0.48 12.95 21.94
CA LEU B 68 -1.54 12.68 22.92
C LEU B 68 -1.27 13.41 24.23
N LYS B 69 -0.11 13.13 24.83
CA LYS B 69 0.33 13.76 26.08
C LYS B 69 0.38 15.31 26.01
N THR B 70 0.88 15.85 24.90
CA THR B 70 0.99 17.31 24.70
C THR B 70 -0.39 18.00 24.68
N ILE B 71 -1.32 17.42 23.94
CA ILE B 71 -2.72 17.86 23.91
C ILE B 71 -3.35 17.80 25.29
N ARG B 72 -3.20 16.67 25.97
CA ARG B 72 -3.79 16.47 27.29
C ARG B 72 -3.23 17.43 28.38
N ALA B 73 -2.02 17.94 28.17
CA ALA B 73 -1.36 18.81 29.16
C ALA B 73 -1.68 20.28 28.93
N ASP B 74 -2.11 20.59 27.71
CA ASP B 74 -2.31 21.96 27.25
C ASP B 74 -3.70 22.44 27.68
N SER B 75 -3.75 23.55 28.41
CA SER B 75 -5.01 23.97 29.03
C SER B 75 -6.09 24.36 28.00
N ALA B 76 -5.65 24.78 26.82
CA ALA B 76 -6.58 25.12 25.73
C ALA B 76 -7.06 23.90 24.92
N MET B 77 -6.41 22.75 25.11
CA MET B 77 -6.74 21.56 24.30
C MET B 77 -6.87 20.25 25.09
N SER B 78 -6.87 20.30 26.43
CA SER B 78 -6.82 19.05 27.24
C SER B 78 -8.01 18.07 27.09
N ALA B 79 -9.20 18.57 26.75
CA ALA B 79 -10.40 17.71 26.73
C ALA B 79 -10.71 17.23 25.32
N LEU B 80 -9.82 17.58 24.39
CA LEU B 80 -10.02 17.25 22.98
C LEU B 80 -10.01 15.72 22.79
N PRO B 81 -10.99 15.18 22.05
CA PRO B 81 -11.04 13.73 21.74
C PRO B 81 -9.88 13.32 20.84
N VAL B 82 -9.23 12.21 21.19
CA VAL B 82 -8.09 11.71 20.46
C VAL B 82 -8.27 10.20 20.29
N LEU B 83 -8.65 9.79 19.09
CA LEU B 83 -8.77 8.38 18.77
C LEU B 83 -7.48 7.93 18.10
N MET B 84 -6.80 6.96 18.73
CA MET B 84 -5.60 6.41 18.14
C MET B 84 -6.01 5.42 17.07
N VAL B 85 -5.46 5.57 15.88
CA VAL B 85 -5.67 4.64 14.75
C VAL B 85 -4.25 4.34 14.32
N THR B 86 -3.78 3.16 14.73
CA THR B 86 -2.38 2.83 14.53
C THR B 86 -2.10 1.35 14.28
N ALA B 87 -0.92 1.09 13.71
CA ALA B 87 -0.40 -0.27 13.52
C ALA B 87 0.20 -0.84 14.81
N GLU B 88 0.47 0.05 15.77
CA GLU B 88 1.01 -0.31 17.11
C GLU B 88 -0.05 -1.02 17.91
N ALA B 89 0.17 -2.35 18.13
CA ALA B 89 -0.80 -3.23 18.79
C ALA B 89 -0.31 -4.07 20.00
N LYS B 90 0.81 -3.66 20.58
CA LYS B 90 1.30 -4.30 21.80
C LYS B 90 0.51 -3.85 23.02
N LYS B 91 0.13 -4.81 23.87
CA LYS B 91 -0.63 -4.54 25.09
C LYS B 91 0.03 -3.47 25.95
N GLU B 92 1.35 -3.55 26.08
CA GLU B 92 2.12 -2.53 26.77
C GLU B 92 1.78 -1.15 26.19
N ASN B 93 1.93 -1.01 24.88
CA ASN B 93 1.69 0.26 24.18
C ASN B 93 0.25 0.75 24.24
N ILE B 94 -0.68 -0.20 24.16
CA ILE B 94 -2.12 0.12 24.19
C ILE B 94 -2.50 0.68 25.55
N ILE B 95 -1.91 0.12 26.60
CA ILE B 95 -2.18 0.56 27.96
C ILE B 95 -1.56 1.93 28.17
N ALA B 96 -0.32 2.11 27.70
CA ALA B 96 0.37 3.37 27.81
C ALA B 96 -0.45 4.51 27.17
N ALA B 97 -0.95 4.27 25.95
CA ALA B 97 -1.86 5.22 25.29
C ALA B 97 -3.12 5.55 26.14
N ALA B 98 -3.70 4.51 26.75
CA ALA B 98 -4.84 4.67 27.67
C ALA B 98 -4.46 5.43 28.95
N GLN B 99 -3.30 5.10 29.52
CA GLN B 99 -2.72 5.87 30.64
C GLN B 99 -2.45 7.35 30.24
N ALA B 100 -2.05 7.57 28.98
CA ALA B 100 -1.77 8.93 28.49
C ALA B 100 -3.03 9.71 28.11
N GLY B 101 -4.18 9.04 28.13
CA GLY B 101 -5.47 9.71 27.90
C GLY B 101 -6.17 9.45 26.56
N ALA B 102 -5.73 8.44 25.82
CA ALA B 102 -6.38 8.18 24.53
C ALA B 102 -7.89 8.10 24.73
N SER B 103 -8.65 8.66 23.80
CA SER B 103 -10.11 8.59 23.86
C SER B 103 -10.63 7.25 23.35
N GLY B 104 -9.81 6.60 22.52
CA GLY B 104 -10.17 5.35 21.86
C GLY B 104 -8.93 4.78 21.19
N TYR B 105 -9.05 3.57 20.64
CA TYR B 105 -7.88 2.88 20.09
C TYR B 105 -8.25 1.81 19.07
N VAL B 106 -7.83 2.04 17.83
CA VAL B 106 -8.16 1.18 16.69
C VAL B 106 -6.84 0.69 16.07
N VAL B 107 -6.73 -0.63 15.88
CA VAL B 107 -5.55 -1.16 15.21
C VAL B 107 -5.72 -1.33 13.72
N LYS B 108 -4.68 -0.94 12.99
CA LYS B 108 -4.50 -1.28 11.57
C LYS B 108 -4.12 -2.77 11.44
N PRO B 109 -4.70 -3.47 10.45
CA PRO B 109 -5.75 -2.95 9.56
C PRO B 109 -7.15 -2.94 10.24
N PHE B 110 -8.00 -2.02 9.80
CA PHE B 110 -9.30 -1.80 10.39
C PHE B 110 -10.37 -1.69 9.34
N THR B 111 -11.60 -1.97 9.73
CA THR B 111 -12.76 -1.86 8.83
C THR B 111 -13.49 -0.53 8.97
N ALA B 112 -14.26 -0.14 7.96
CA ALA B 112 -15.02 1.06 8.07
C ALA B 112 -15.92 1.01 9.29
N ALA B 113 -16.46 -0.17 9.58
CA ALA B 113 -17.44 -0.34 10.65
C ALA B 113 -16.79 -0.15 12.03
N THR B 114 -15.56 -0.63 12.15
CA THR B 114 -14.75 -0.45 13.34
C THR B 114 -14.49 1.03 13.64
N LEU B 115 -14.23 1.83 12.59
CA LEU B 115 -13.99 3.27 12.76
C LEU B 115 -15.25 4.03 13.16
N GLU B 116 -16.35 3.75 12.46
CA GLU B 116 -17.66 4.29 12.80
C GLU B 116 -18.06 3.98 14.25
N GLU B 117 -17.86 2.71 14.65
CA GLU B 117 -18.22 2.24 15.98
C GLU B 117 -17.45 2.98 17.05
N LYS B 118 -16.15 3.17 16.84
CA LYS B 118 -15.31 3.82 17.84
C LYS B 118 -15.59 5.33 17.95
N LEU B 119 -15.88 5.98 16.83
CA LEU B 119 -16.30 7.37 16.86
C LEU B 119 -17.60 7.54 17.64
N ASN B 120 -18.63 6.79 17.23
CA ASN B 120 -19.89 6.75 17.93
C ASN B 120 -19.74 6.50 19.45
N LYS B 121 -18.93 5.52 19.80
CA LYS B 121 -18.65 5.22 21.21
C LYS B 121 -18.11 6.46 21.96
N ILE B 122 -17.07 7.10 21.40
CA ILE B 122 -16.51 8.31 22.00
C ILE B 122 -17.56 9.45 22.04
N PHE B 123 -18.42 9.52 21.00
CA PHE B 123 -19.52 10.51 20.94
C PHE B 123 -20.48 10.42 22.13
N GLU B 124 -20.89 9.19 22.48
CA GLU B 124 -21.91 8.99 23.53
C GLU B 124 -21.38 9.21 24.94
N LYS B 125 -20.07 8.99 25.13
CA LYS B 125 -19.42 9.22 26.43
C LYS B 125 -19.28 10.70 26.74
N LEU B 126 -19.02 11.52 25.71
CA LEU B 126 -18.78 12.95 25.89
C LEU B 126 -20.06 13.75 25.69
N GLY B 127 -21.08 13.11 25.13
CA GLY B 127 -22.39 13.72 24.97
C GLY B 127 -22.53 14.54 23.70
N MET B 128 -21.79 14.15 22.67
CA MET B 128 -21.74 14.92 21.43
C MET B 128 -22.78 14.42 20.43
N ALA C 1 8.13 7.92 1.81
CA ALA C 1 7.36 6.66 1.53
C ALA C 1 6.94 5.99 2.83
N ASP C 2 5.93 5.12 2.74
CA ASP C 2 5.46 4.35 3.90
C ASP C 2 6.62 3.67 4.64
N LYS C 3 6.78 4.03 5.90
CA LYS C 3 7.82 3.44 6.75
C LYS C 3 7.59 1.94 6.99
N GLU C 4 6.37 1.49 6.71
CA GLU C 4 6.03 0.08 6.82
C GLU C 4 6.42 -0.70 5.55
N LEU C 5 6.97 0.01 4.57
CA LEU C 5 7.53 -0.63 3.38
C LEU C 5 8.46 -1.77 3.80
N LYS C 6 8.24 -2.94 3.20
CA LYS C 6 8.99 -4.12 3.57
C LYS C 6 10.18 -4.35 2.65
N PHE C 7 11.37 -4.27 3.24
CA PHE C 7 12.60 -4.41 2.50
C PHE C 7 13.20 -5.81 2.64
N LEU C 8 13.78 -6.29 1.53
CA LEU C 8 14.50 -7.54 1.51
C LEU C 8 15.96 -7.13 1.26
N VAL C 9 16.87 -7.51 2.18
CA VAL C 9 18.29 -7.21 2.04
C VAL C 9 19.04 -8.52 1.67
N VAL C 10 19.62 -8.55 0.46
CA VAL C 10 20.21 -9.78 -0.07
C VAL C 10 21.70 -9.63 -0.27
N ASP C 11 22.45 -10.51 0.37
CA ASP C 11 23.88 -10.49 0.29
C ASP C 11 24.34 -11.74 0.99
N ASP C 12 25.46 -12.31 0.51
CA ASP C 12 25.93 -13.58 1.04
C ASP C 12 26.67 -13.46 2.35
N PHE C 13 27.06 -12.23 2.71
CA PHE C 13 27.71 -12.00 4.03
C PHE C 13 26.82 -11.24 5.01
N SER C 14 26.67 -11.81 6.20
CA SER C 14 25.85 -11.22 7.25
C SER C 14 26.25 -9.80 7.60
N THR C 15 27.55 -9.51 7.58
CA THR C 15 28.06 -8.18 7.94
C THR C 15 27.53 -7.09 7.01
N MET C 16 27.44 -7.39 5.72
CA MET C 16 26.96 -6.46 4.71
C MET C 16 25.47 -6.21 4.86
N ARG C 17 24.72 -7.29 5.12
CA ARG C 17 23.28 -7.18 5.37
C ARG C 17 23.05 -6.34 6.60
N ARG C 18 23.90 -6.53 7.62
CA ARG C 18 23.77 -5.81 8.90
C ARG C 18 24.04 -4.31 8.76
N ILE C 19 24.93 -3.96 7.82
CA ILE C 19 25.19 -2.55 7.48
C ILE C 19 23.92 -1.92 6.88
N VAL C 20 23.36 -2.62 5.87
CA VAL C 20 22.15 -2.12 5.16
C VAL C 20 20.93 -2.01 6.09
N ARG C 21 20.69 -3.07 6.88
CA ARG C 21 19.57 -3.09 7.79
C ARG C 21 19.58 -1.88 8.75
N ASN C 22 20.74 -1.63 9.39
CA ASN C 22 20.92 -0.50 10.31
C ASN C 22 20.71 0.89 9.68
N LEU C 23 21.31 1.11 8.51
CA LEU C 23 21.09 2.36 7.77
C LEU C 23 19.59 2.56 7.52
N LEU C 24 18.91 1.51 7.07
CA LEU C 24 17.45 1.52 6.92
C LEU C 24 16.69 1.83 8.22
N LYS C 25 17.20 1.37 9.38
CA LYS C 25 16.59 1.66 10.69
C LYS C 25 16.69 3.19 10.94
N GLU C 26 17.88 3.75 10.67
CA GLU C 26 18.13 5.17 10.81
C GLU C 26 17.09 5.99 10.03
N LEU C 27 16.83 5.54 8.80
CA LEU C 27 15.86 6.19 7.93
C LEU C 27 14.40 5.93 8.35
N GLY C 28 14.22 5.05 9.33
CA GLY C 28 12.92 4.79 9.92
C GLY C 28 12.26 3.54 9.37
N PHE C 29 13.03 2.74 8.64
CA PHE C 29 12.55 1.47 8.11
C PHE C 29 12.94 0.30 9.00
N ASN C 30 11.93 -0.27 9.67
CA ASN C 30 12.12 -1.39 10.57
C ASN C 30 11.61 -2.70 9.97
N ASN C 31 10.72 -2.62 8.96
CA ASN C 31 10.17 -3.83 8.35
C ASN C 31 11.18 -4.33 7.32
N VAL C 32 12.12 -5.13 7.80
CA VAL C 32 13.27 -5.55 7.04
C VAL C 32 13.59 -7.05 7.24
N GLU C 33 13.72 -7.79 6.14
CA GLU C 33 14.11 -9.19 6.20
C GLU C 33 15.34 -9.45 5.30
N GLU C 34 16.02 -10.58 5.58
CA GLU C 34 17.27 -10.88 4.88
C GLU C 34 17.34 -12.22 4.17
N ALA C 35 18.10 -12.27 3.07
CA ALA C 35 18.37 -13.51 2.31
C ALA C 35 19.87 -13.57 2.05
N GLU C 36 20.36 -14.80 1.88
CA GLU C 36 21.81 -15.08 1.75
C GLU C 36 22.25 -15.32 0.29
N ASP C 37 21.27 -15.63 -0.55
CA ASP C 37 21.50 -15.83 -1.98
C ASP C 37 20.16 -15.64 -2.73
N GLY C 38 20.21 -15.71 -4.05
CA GLY C 38 19.03 -15.36 -4.88
C GLY C 38 17.93 -16.40 -4.79
N VAL C 39 18.32 -17.64 -4.50
CA VAL C 39 17.36 -18.73 -4.29
C VAL C 39 16.59 -18.45 -2.99
N ASP C 40 17.34 -18.12 -1.94
CA ASP C 40 16.78 -17.74 -0.68
C ASP C 40 15.84 -16.54 -0.88
N ALA C 41 16.29 -15.56 -1.68
CA ALA C 41 15.53 -14.32 -1.90
C ALA C 41 14.16 -14.52 -2.60
N LEU C 42 14.12 -15.37 -3.63
CA LEU C 42 12.87 -15.65 -4.35
C LEU C 42 11.88 -16.44 -3.50
N ASN C 43 12.42 -17.29 -2.63
CA ASN C 43 11.59 -18.03 -1.67
C ASN C 43 10.92 -17.08 -0.72
N LYS C 44 11.69 -16.13 -0.19
CA LYS C 44 11.18 -15.13 0.72
C LYS C 44 10.14 -14.26 0.00
N LEU C 45 10.45 -13.91 -1.24
CA LEU C 45 9.56 -13.07 -2.05
C LEU C 45 8.19 -13.73 -2.30
N GLN C 46 8.17 -15.04 -2.53
CA GLN C 46 6.93 -15.80 -2.71
C GLN C 46 5.98 -15.72 -1.51
N ALA C 47 6.54 -15.48 -0.33
CA ALA C 47 5.74 -15.31 0.88
C ALA C 47 4.97 -13.98 0.89
N GLY C 48 5.26 -13.12 -0.09
CA GLY C 48 4.48 -11.91 -0.32
C GLY C 48 4.88 -10.74 0.57
N GLY C 49 4.43 -9.54 0.19
CA GLY C 49 4.53 -8.38 1.06
C GLY C 49 5.69 -7.44 0.78
N PHE C 50 6.72 -7.95 0.10
CA PHE C 50 7.95 -7.16 -0.14
C PHE C 50 7.73 -6.10 -1.21
N GLY C 51 8.34 -4.95 -1.02
CA GLY C 51 8.20 -3.84 -1.94
C GLY C 51 9.52 -3.18 -2.31
N PHE C 52 10.61 -3.73 -1.80
CA PHE C 52 11.93 -3.22 -2.10
C PHE C 52 13.02 -4.28 -1.88
N ILE C 53 13.94 -4.37 -2.83
CA ILE C 53 15.07 -5.29 -2.75
C ILE C 53 16.36 -4.51 -2.88
N ILE C 54 17.28 -4.79 -1.94
CA ILE C 54 18.66 -4.28 -1.96
C ILE C 54 19.46 -5.56 -2.10
N SER C 55 20.10 -5.69 -3.24
CA SER C 55 20.83 -6.91 -3.54
C SER C 55 22.29 -6.77 -3.86
N ASP C 56 23.04 -7.73 -3.40
CA ASP C 56 24.44 -7.92 -3.73
C ASP C 56 24.45 -8.56 -5.13
N TRP C 57 25.64 -8.70 -5.70
CA TRP C 57 25.82 -9.41 -6.96
C TRP C 57 26.49 -10.77 -6.78
N ASN C 58 27.78 -10.75 -6.42
CA ASN C 58 28.53 -11.98 -6.22
C ASN C 58 27.94 -12.81 -5.09
N MET C 59 27.20 -13.86 -5.45
CA MET C 59 26.47 -14.69 -4.50
C MET C 59 26.40 -16.09 -5.05
N PRO C 60 26.46 -17.12 -4.17
CA PRO C 60 26.41 -18.49 -4.68
C PRO C 60 24.99 -18.88 -5.08
N ASN C 61 24.84 -20.02 -5.76
CA ASN C 61 23.51 -20.59 -6.14
C ASN C 61 22.73 -19.74 -7.17
N MET C 62 22.56 -18.47 -6.87
CA MET C 62 21.94 -17.52 -7.79
C MET C 62 22.48 -16.15 -7.49
N ASP C 63 23.40 -15.67 -8.36
CA ASP C 63 23.96 -14.32 -8.19
C ASP C 63 22.88 -13.25 -8.39
N GLY C 64 23.22 -12.01 -8.01
CA GLY C 64 22.26 -10.89 -7.99
C GLY C 64 21.72 -10.45 -9.34
N LEU C 65 22.52 -10.64 -10.40
CA LEU C 65 22.07 -10.34 -11.78
C LEU C 65 20.97 -11.29 -12.28
N GLU C 66 21.13 -12.59 -12.04
CA GLU C 66 20.07 -13.55 -12.35
C GLU C 66 18.83 -13.27 -11.52
N LEU C 67 19.04 -12.89 -10.26
CA LEU C 67 17.96 -12.52 -9.39
C LEU C 67 17.21 -11.36 -10.01
N LEU C 68 17.97 -10.39 -10.52
CA LEU C 68 17.39 -9.21 -11.15
C LEU C 68 16.54 -9.60 -12.36
N LYS C 69 17.13 -10.40 -13.26
CA LYS C 69 16.45 -10.86 -14.47
C LYS C 69 15.20 -11.71 -14.17
N THR C 70 15.33 -12.61 -13.19
CA THR C 70 14.22 -13.45 -12.76
C THR C 70 13.07 -12.62 -12.22
N ILE C 71 13.38 -11.66 -11.35
CA ILE C 71 12.41 -10.70 -10.85
C ILE C 71 11.74 -9.92 -11.99
N ARG C 72 12.56 -9.40 -12.91
CA ARG C 72 12.05 -8.59 -14.03
C ARG C 72 11.23 -9.39 -15.03
N ALA C 73 11.49 -10.69 -15.12
CA ALA C 73 10.82 -11.54 -16.11
C ALA C 73 9.59 -12.23 -15.50
N ASP C 74 9.45 -12.13 -14.18
CA ASP C 74 8.29 -12.67 -13.50
C ASP C 74 7.11 -11.72 -13.68
N SER C 75 5.93 -12.28 -13.96
CA SER C 75 4.76 -11.46 -14.30
C SER C 75 4.27 -10.60 -13.13
N ALA C 76 4.41 -11.12 -11.92
CA ALA C 76 3.96 -10.42 -10.73
C ALA C 76 5.08 -9.61 -10.05
N MET C 77 6.34 -9.95 -10.35
CA MET C 77 7.49 -9.31 -9.67
C MET C 77 8.24 -8.26 -10.52
N SER C 78 7.73 -7.98 -11.72
CA SER C 78 8.50 -7.30 -12.76
C SER C 78 8.86 -5.84 -12.47
N ALA C 79 8.07 -5.17 -11.62
CA ALA C 79 8.29 -3.74 -11.32
C ALA C 79 8.95 -3.49 -9.98
N LEU C 80 9.07 -4.52 -9.15
CA LEU C 80 9.74 -4.39 -7.87
C LEU C 80 11.04 -3.61 -8.03
N PRO C 81 11.30 -2.65 -7.12
CA PRO C 81 12.57 -1.95 -7.11
C PRO C 81 13.70 -2.90 -6.71
N VAL C 82 14.81 -2.82 -7.43
CA VAL C 82 16.00 -3.58 -7.13
C VAL C 82 17.24 -2.65 -7.11
N LEU C 83 17.67 -2.25 -5.92
CA LEU C 83 18.91 -1.50 -5.75
C LEU C 83 20.09 -2.47 -5.62
N MET C 84 21.05 -2.39 -6.55
CA MET C 84 22.27 -3.20 -6.45
C MET C 84 23.21 -2.46 -5.52
N VAL C 85 23.79 -3.21 -4.60
CA VAL C 85 24.78 -2.73 -3.63
C VAL C 85 25.84 -3.81 -3.70
N THR C 86 26.88 -3.58 -4.51
CA THR C 86 27.87 -4.61 -4.77
C THR C 86 29.30 -4.08 -5.01
N ALA C 87 30.29 -4.94 -4.81
CA ALA C 87 31.70 -4.58 -5.00
C ALA C 87 32.09 -4.60 -6.47
N GLU C 88 31.15 -4.95 -7.33
CA GLU C 88 31.38 -5.01 -8.77
C GLU C 88 31.56 -3.60 -9.37
N ALA C 89 32.76 -3.30 -9.86
CA ALA C 89 33.07 -1.94 -10.31
C ALA C 89 33.50 -1.86 -11.77
N LYS C 90 33.30 -2.94 -12.53
CA LYS C 90 33.63 -2.93 -13.94
C LYS C 90 32.48 -2.30 -14.73
N LYS C 91 32.84 -1.36 -15.61
CA LYS C 91 31.85 -0.54 -16.31
C LYS C 91 30.84 -1.37 -17.09
N GLU C 92 31.31 -2.49 -17.67
CA GLU C 92 30.49 -3.35 -18.54
C GLU C 92 29.41 -4.05 -17.73
N ASN C 93 29.80 -4.56 -16.56
CA ASN C 93 28.89 -5.21 -15.62
C ASN C 93 27.90 -4.20 -15.04
N ILE C 94 28.37 -2.98 -14.79
CA ILE C 94 27.51 -1.91 -14.28
C ILE C 94 26.43 -1.64 -15.32
N ILE C 95 26.84 -1.62 -16.59
CA ILE C 95 25.92 -1.47 -17.73
C ILE C 95 24.93 -2.64 -17.82
N ALA C 96 25.44 -3.86 -17.82
CA ALA C 96 24.59 -5.07 -17.91
C ALA C 96 23.52 -5.10 -16.80
N ALA C 97 23.91 -4.77 -15.57
CA ALA C 97 22.92 -4.59 -14.50
C ALA C 97 21.85 -3.56 -14.83
N ALA C 98 22.27 -2.39 -15.32
CA ALA C 98 21.34 -1.34 -15.77
C ALA C 98 20.42 -1.80 -16.93
N GLN C 99 21.00 -2.52 -17.89
CA GLN C 99 20.24 -3.06 -19.03
C GLN C 99 19.23 -4.13 -18.62
N ALA C 100 19.57 -4.89 -17.57
CA ALA C 100 18.71 -5.95 -16.98
C ALA C 100 17.64 -5.38 -16.08
N GLY C 101 17.60 -4.04 -16.00
CA GLY C 101 16.52 -3.38 -15.25
C GLY C 101 16.75 -2.94 -13.81
N ALA C 102 17.99 -2.95 -13.36
CA ALA C 102 18.30 -2.49 -11.99
C ALA C 102 17.69 -1.10 -11.71
N SER C 103 17.18 -0.91 -10.50
CA SER C 103 16.57 0.38 -10.14
C SER C 103 17.63 1.44 -9.83
N GLY C 104 18.68 1.03 -9.14
CA GLY C 104 19.85 1.85 -8.97
C GLY C 104 21.08 0.98 -8.81
N TYR C 105 22.22 1.61 -8.56
CA TYR C 105 23.48 0.92 -8.45
C TYR C 105 24.40 1.60 -7.45
N VAL C 106 24.69 0.90 -6.35
CA VAL C 106 25.65 1.38 -5.35
C VAL C 106 26.91 0.48 -5.31
N VAL C 107 28.11 1.09 -5.42
CA VAL C 107 29.39 0.38 -5.33
C VAL C 107 29.82 0.29 -3.87
N LYS C 108 30.39 -0.85 -3.50
CA LYS C 108 31.09 -1.00 -2.22
C LYS C 108 32.54 -0.57 -2.43
N PRO C 109 33.14 0.09 -1.42
CA PRO C 109 32.52 0.57 -0.17
C PRO C 109 31.64 1.80 -0.37
N PHE C 110 30.55 1.88 0.40
CA PHE C 110 29.60 3.02 0.33
C PHE C 110 29.41 3.76 1.67
N THR C 111 28.88 4.97 1.58
CA THR C 111 28.54 5.73 2.78
C THR C 111 27.06 5.60 3.09
N ALA C 112 26.68 6.01 4.30
CA ALA C 112 25.28 6.16 4.65
C ALA C 112 24.60 7.14 3.69
N ALA C 113 25.28 8.25 3.42
CA ALA C 113 24.74 9.31 2.57
C ALA C 113 24.44 8.81 1.14
N THR C 114 25.33 7.98 0.59
CA THR C 114 25.10 7.41 -0.74
C THR C 114 23.88 6.49 -0.76
N LEU C 115 23.78 5.59 0.22
CA LEU C 115 22.68 4.64 0.27
C LEU C 115 21.32 5.35 0.47
N GLU C 116 21.27 6.30 1.42
CA GLU C 116 20.08 7.12 1.61
C GLU C 116 19.74 7.95 0.37
N GLU C 117 20.75 8.61 -0.22
CA GLU C 117 20.59 9.32 -1.49
C GLU C 117 19.90 8.45 -2.52
N LYS C 118 20.51 7.31 -2.81
CA LYS C 118 20.06 6.43 -3.86
C LYS C 118 18.66 5.85 -3.63
N LEU C 119 18.28 5.70 -2.35
CA LEU C 119 16.95 5.15 -2.04
C LEU C 119 15.85 6.19 -2.26
N ASN C 120 16.15 7.45 -1.94
CA ASN C 120 15.19 8.55 -2.16
C ASN C 120 15.06 8.89 -3.64
N LYS C 121 16.15 8.66 -4.39
CA LYS C 121 16.16 8.80 -5.84
C LYS C 121 15.20 7.83 -6.51
N ILE C 122 15.23 6.58 -6.06
CA ILE C 122 14.32 5.55 -6.56
C ILE C 122 12.93 5.73 -5.94
N PHE C 123 12.88 6.36 -4.75
CA PHE C 123 11.61 6.68 -4.12
C PHE C 123 10.82 7.73 -4.91
N GLU C 124 11.53 8.59 -5.64
CA GLU C 124 10.88 9.68 -6.39
C GLU C 124 10.47 9.30 -7.82
N LYS C 125 11.31 8.49 -8.48
CA LYS C 125 10.99 7.97 -9.82
C LYS C 125 9.71 7.10 -9.81
N LEU C 126 9.53 6.31 -8.74
CA LEU C 126 8.45 5.35 -8.68
C LEU C 126 7.22 5.94 -8.02
N GLY C 127 7.27 7.24 -7.72
CA GLY C 127 6.13 7.95 -7.15
C GLY C 127 5.80 7.49 -5.73
N MET C 128 6.82 7.06 -5.02
CA MET C 128 6.65 6.59 -3.64
C MET C 128 6.93 7.75 -2.66
N ALA D 1 -25.63 9.32 -25.36
CA ALA D 1 -24.37 8.99 -26.05
C ALA D 1 -23.13 9.42 -25.23
N GLY D 2 -23.32 10.08 -24.05
CA GLY D 2 -22.20 10.26 -23.12
C GLY D 2 -21.93 8.94 -22.42
N VAL D 3 -22.91 8.04 -22.52
CA VAL D 3 -22.84 6.71 -21.93
C VAL D 3 -22.62 5.65 -23.02
N VAL D 4 -21.80 4.63 -22.63
CA VAL D 4 -21.67 3.42 -23.45
C VAL D 4 -22.73 2.38 -23.02
N ALA D 5 -23.28 1.64 -23.97
CA ALA D 5 -24.38 0.69 -23.68
C ALA D 5 -24.02 -0.78 -23.99
N SER D 6 -22.76 -1.03 -24.35
CA SER D 6 -22.31 -2.36 -24.74
C SER D 6 -20.83 -2.55 -24.47
N GLN D 7 -20.42 -3.82 -24.36
CA GLN D 7 -19.01 -4.19 -24.25
C GLN D 7 -18.20 -3.74 -25.46
N ASP D 8 -18.74 -3.99 -26.66
CA ASP D 8 -18.06 -3.61 -27.89
C ASP D 8 -17.74 -2.11 -27.91
N GLN D 9 -18.72 -1.29 -27.54
CA GLN D 9 -18.50 0.15 -27.40
C GLN D 9 -17.33 0.48 -26.45
N VAL D 10 -17.26 -0.20 -25.30
CA VAL D 10 -16.14 -0.01 -24.36
C VAL D 10 -14.81 -0.45 -24.97
N ASP D 11 -14.83 -1.62 -25.61
CA ASP D 11 -13.65 -2.16 -26.30
C ASP D 11 -13.18 -1.21 -27.39
N ASP D 12 -14.10 -0.71 -28.19
CA ASP D 12 -13.77 0.21 -29.26
C ASP D 12 -13.17 1.50 -28.68
N LEU D 13 -13.79 2.01 -27.62
CA LEU D 13 -13.31 3.19 -26.94
C LEU D 13 -11.86 2.99 -26.48
N LEU D 14 -11.63 2.02 -25.59
CA LEU D 14 -10.28 1.76 -25.07
C LEU D 14 -9.26 1.51 -26.17
N ASP D 15 -9.69 0.82 -27.23
CA ASP D 15 -8.84 0.57 -28.40
C ASP D 15 -8.44 1.87 -29.10
N SER D 16 -9.44 2.74 -29.33
CA SER D 16 -9.23 4.01 -30.04
C SER D 16 -8.24 4.92 -29.33
N LEU D 17 -7.92 4.61 -28.08
CA LEU D 17 -7.08 5.48 -27.27
C LEU D 17 -5.74 4.87 -26.88
N GLY D 18 -5.43 3.70 -27.45
CA GLY D 18 -4.14 3.05 -27.21
C GLY D 18 -4.11 2.15 -25.98
N PHE D 19 -5.29 1.68 -25.54
CA PHE D 19 -5.38 0.77 -24.41
C PHE D 19 -5.77 -0.65 -24.83
N ALA E 5 -2.34 -8.50 17.62
CA ALA E 5 -3.56 -8.36 18.48
C ALA E 5 -4.77 -7.88 17.65
N SER E 6 -5.88 -8.62 17.77
CA SER E 6 -7.11 -8.29 17.01
C SER E 6 -7.84 -7.14 17.68
N GLN E 7 -8.72 -6.48 16.93
CA GLN E 7 -9.53 -5.39 17.50
C GLN E 7 -10.33 -5.86 18.71
N ASP E 8 -10.99 -7.02 18.58
CA ASP E 8 -11.68 -7.67 19.70
C ASP E 8 -10.79 -7.67 20.95
N GLN E 9 -9.55 -8.14 20.79
CA GLN E 9 -8.60 -8.24 21.89
C GLN E 9 -8.27 -6.89 22.48
N VAL E 10 -8.03 -5.91 21.62
CA VAL E 10 -7.82 -4.51 22.06
C VAL E 10 -9.02 -4.02 22.88
N ASP E 11 -10.23 -4.21 22.34
CA ASP E 11 -11.46 -3.86 23.03
C ASP E 11 -11.55 -4.51 24.41
N ASP E 12 -11.15 -5.79 24.50
CA ASP E 12 -11.13 -6.51 25.77
C ASP E 12 -10.21 -5.83 26.80
N LEU E 13 -9.00 -5.47 26.35
CA LEU E 13 -8.05 -4.70 27.13
C LEU E 13 -8.67 -3.39 27.65
N LEU E 14 -9.24 -2.61 26.74
CA LEU E 14 -9.79 -1.29 27.06
C LEU E 14 -10.98 -1.37 28.01
N ASP E 15 -11.78 -2.44 27.84
CA ASP E 15 -12.92 -2.70 28.72
C ASP E 15 -12.44 -2.97 30.14
N SER E 16 -11.33 -3.70 30.24
CA SER E 16 -10.75 -4.05 31.53
C SER E 16 -10.28 -2.82 32.32
N LEU E 17 -10.05 -1.71 31.61
CA LEU E 17 -9.45 -0.53 32.23
C LEU E 17 -10.44 0.62 32.41
N GLY E 18 -11.69 0.40 31.92
CA GLY E 18 -12.76 1.36 32.18
C GLY E 18 -13.48 1.94 30.98
N PHE E 19 -13.04 1.57 29.76
CA PHE E 19 -13.58 2.19 28.53
C PHE E 19 -14.98 1.64 28.17
N ALA F 5 36.32 1.90 -9.90
CA ALA F 5 35.13 2.78 -10.08
C ALA F 5 34.54 3.29 -8.74
N SER F 6 34.47 4.61 -8.59
CA SER F 6 33.84 5.25 -7.43
C SER F 6 32.34 5.44 -7.68
N GLN F 7 31.63 5.98 -6.70
CA GLN F 7 30.20 6.27 -6.85
C GLN F 7 29.90 7.34 -7.91
N ASP F 8 30.58 8.48 -7.84
CA ASP F 8 30.48 9.52 -8.90
C ASP F 8 30.53 8.89 -10.30
N GLN F 9 31.51 8.00 -10.49
CA GLN F 9 31.75 7.38 -11.78
C GLN F 9 30.61 6.45 -12.21
N VAL F 10 30.00 5.78 -11.24
CA VAL F 10 28.80 4.96 -11.48
C VAL F 10 27.67 5.91 -11.88
N ASP F 11 27.43 6.91 -11.03
CA ASP F 11 26.36 7.86 -11.22
C ASP F 11 26.43 8.52 -12.59
N ASP F 12 27.60 9.05 -12.94
CA ASP F 12 27.81 9.70 -14.24
C ASP F 12 27.64 8.73 -15.41
N LEU F 13 28.05 7.48 -15.22
CA LEU F 13 27.92 6.44 -16.24
C LEU F 13 26.44 6.11 -16.54
N LEU F 14 25.68 5.80 -15.49
CA LEU F 14 24.24 5.47 -15.64
C LEU F 14 23.44 6.69 -16.07
N ASP F 15 23.71 7.81 -15.41
CA ASP F 15 23.08 9.10 -15.74
C ASP F 15 23.26 9.44 -17.22
N SER F 16 24.49 9.29 -17.71
CA SER F 16 24.80 9.61 -19.11
C SER F 16 24.10 8.65 -20.06
N LEU F 17 23.98 7.39 -19.63
CA LEU F 17 23.45 6.31 -20.47
C LEU F 17 21.92 6.33 -20.57
N GLY F 18 21.27 7.13 -19.72
CA GLY F 18 19.82 7.25 -19.73
C GLY F 18 19.14 6.29 -18.77
N PHE F 19 19.80 6.05 -17.63
CA PHE F 19 19.19 5.29 -16.54
C PHE F 19 18.82 6.22 -15.36
#